data_9M6Y
#
_entry.id   9M6Y
#
_cell.length_a   30.065
_cell.length_b   37.804
_cell.length_c   42.058
_cell.angle_alpha   85.85
_cell.angle_beta   84.92
_cell.angle_gamma   66.91
#
_symmetry.space_group_name_H-M   'P 1'
#
loop_
_entity.id
_entity.type
_entity.pdbx_description
1 polymer 'Surface layer protein SlpM'
2 water water
#
_entity_poly.entity_id   1
_entity_poly.type   'polypeptide(L)'
_entity_poly.pdbx_seq_one_letter_code
;SKASQVKVNINNLKGETLKSFNYNVGTNATNTNAVDGTVYNSTATPEHFAQGFADTVNNALAGTGYKVDGDNALNHVANL
KSGSTLTIYATE
;
_entity_poly.pdbx_strand_id   A,B
#
# COMPACT_ATOMS: atom_id res chain seq x y z
N SER A 1 -4.82 3.64 -6.03
CA SER A 1 -3.90 2.90 -6.87
C SER A 1 -4.37 1.47 -7.10
N LYS A 2 -4.43 1.07 -8.38
CA LYS A 2 -4.74 -0.31 -8.70
C LYS A 2 -3.68 -1.27 -8.19
N ALA A 3 -2.45 -0.79 -8.02
CA ALA A 3 -1.34 -1.67 -7.65
C ALA A 3 -1.31 -1.92 -6.14
N SER A 4 -1.79 -0.99 -5.32
CA SER A 4 -1.62 -1.07 -3.88
C SER A 4 -2.91 -1.08 -3.09
N GLN A 5 -4.06 -0.87 -3.73
CA GLN A 5 -5.30 -0.67 -2.99
C GLN A 5 -6.42 -1.48 -3.61
N VAL A 6 -7.48 -1.66 -2.81
CA VAL A 6 -8.78 -2.08 -3.30
C VAL A 6 -9.76 -0.95 -3.00
N LYS A 7 -10.82 -0.89 -3.80
CA LYS A 7 -11.95 -0.02 -3.48
C LYS A 7 -12.97 -0.81 -2.68
N VAL A 8 -13.50 -0.20 -1.63
CA VAL A 8 -14.48 -0.83 -0.76
C VAL A 8 -15.76 -0.02 -0.82
N ASN A 9 -16.87 -0.69 -1.14
CA ASN A 9 -18.20 -0.10 -1.08
C ASN A 9 -18.98 -0.79 0.03
N ILE A 10 -19.41 -0.01 1.02
CA ILE A 10 -20.31 -0.52 2.06
C ILE A 10 -21.74 -0.28 1.57
N ASN A 11 -22.44 -1.35 1.25
CA ASN A 11 -23.80 -1.29 0.74
C ASN A 11 -24.77 -1.79 1.78
N ASN A 12 -26.03 -1.35 1.67
CA ASN A 12 -27.09 -2.01 2.39
C ASN A 12 -27.59 -3.19 1.56
N LEU A 13 -28.62 -3.86 2.05
CA LEU A 13 -29.15 -5.04 1.36
C LEU A 13 -30.18 -4.69 0.30
N LYS A 14 -30.30 -3.41 -0.06
CA LYS A 14 -31.26 -2.95 -1.06
C LYS A 14 -30.56 -2.32 -2.25
N GLY A 15 -29.32 -2.72 -2.51
CA GLY A 15 -28.60 -2.28 -3.69
C GLY A 15 -28.07 -0.87 -3.65
N GLU A 16 -27.71 -0.37 -2.47
CA GLU A 16 -27.50 1.05 -2.25
C GLU A 16 -26.22 1.24 -1.45
N THR A 17 -25.31 2.06 -1.97
CA THR A 17 -24.00 2.27 -1.34
C THR A 17 -24.09 3.36 -0.28
N LEU A 18 -23.72 3.02 0.94
CA LEU A 18 -23.75 3.93 2.08
C LEU A 18 -22.48 4.78 2.14
N LYS A 19 -21.33 4.13 2.13
CA LYS A 19 -20.04 4.81 2.18
C LYS A 19 -19.04 4.04 1.34
N SER A 20 -17.98 4.73 0.92
CA SER A 20 -16.91 4.13 0.14
C SER A 20 -15.57 4.64 0.61
N PHE A 21 -14.55 3.80 0.47
CA PHE A 21 -13.18 4.18 0.82
C PHE A 21 -12.23 3.23 0.12
N ASN A 22 -10.98 3.65 0.04
CA ASN A 22 -9.90 2.84 -0.50
C ASN A 22 -9.12 2.23 0.66
N TYR A 23 -8.58 1.04 0.44
CA TYR A 23 -7.81 0.39 1.51
C TYR A 23 -6.54 -0.23 0.95
N ASN A 24 -5.44 -0.01 1.67
CA ASN A 24 -4.13 -0.54 1.31
C ASN A 24 -4.08 -2.04 1.59
N VAL A 25 -3.81 -2.84 0.55
CA VAL A 25 -3.71 -4.28 0.69
C VAL A 25 -2.27 -4.76 0.66
N GLY A 26 -1.30 -3.85 0.78
CA GLY A 26 0.08 -4.21 0.97
C GLY A 26 0.85 -4.63 -0.27
N THR A 27 0.22 -4.57 -1.44
CA THR A 27 0.83 -5.04 -2.67
C THR A 27 1.55 -3.91 -3.40
N ASN A 28 2.43 -4.29 -4.34
CA ASN A 28 3.09 -3.35 -5.22
C ASN A 28 2.80 -3.64 -6.69
N ALA A 29 1.83 -4.50 -6.97
CA ALA A 29 1.39 -4.78 -8.33
C ALA A 29 -0.10 -5.11 -8.29
N THR A 30 -0.80 -4.72 -9.34
CA THR A 30 -2.24 -4.97 -9.39
C THR A 30 -2.50 -6.46 -9.62
N ASN A 31 -3.76 -6.86 -9.45
CA ASN A 31 -4.18 -8.25 -9.64
C ASN A 31 -3.36 -9.22 -8.79
N THR A 32 -3.02 -8.79 -7.58
CA THR A 32 -2.22 -9.59 -6.67
C THR A 32 -2.97 -9.74 -5.34
N ASN A 33 -2.93 -10.95 -4.78
CA ASN A 33 -3.61 -11.22 -3.51
C ASN A 33 -3.23 -10.19 -2.45
N ALA A 34 -4.23 -9.75 -1.70
CA ALA A 34 -3.99 -8.88 -0.56
C ALA A 34 -3.09 -9.60 0.44
N VAL A 35 -2.20 -8.83 1.08
CA VAL A 35 -1.36 -9.39 2.13
C VAL A 35 -2.23 -9.72 3.34
N ASP A 36 -1.96 -10.87 3.96
CA ASP A 36 -2.69 -11.27 5.16
C ASP A 36 -2.64 -10.16 6.20
N GLY A 37 -3.77 -9.92 6.86
CA GLY A 37 -3.84 -8.92 7.90
C GLY A 37 -4.16 -7.52 7.44
N THR A 38 -4.41 -7.30 6.15
CA THR A 38 -4.83 -5.99 5.65
C THR A 38 -6.34 -5.89 5.74
N VAL A 39 -7.05 -6.58 4.86
CA VAL A 39 -8.51 -6.60 4.91
C VAL A 39 -9.01 -7.72 5.83
N TYR A 40 -8.54 -8.93 5.61
CA TYR A 40 -8.94 -10.10 6.39
C TYR A 40 -7.75 -10.64 7.19
N ASN A 41 -8.08 -11.50 8.16
CA ASN A 41 -7.05 -12.23 8.87
C ASN A 41 -6.25 -13.12 7.92
N SER A 42 -6.93 -13.72 6.95
CA SER A 42 -6.30 -14.59 5.96
C SER A 42 -6.93 -14.29 4.61
N THR A 43 -6.12 -13.87 3.64
CA THR A 43 -6.64 -13.55 2.32
C THR A 43 -7.19 -14.78 1.62
N ALA A 44 -6.53 -15.93 1.78
CA ALA A 44 -6.95 -17.13 1.08
C ALA A 44 -8.19 -17.74 1.71
N THR A 45 -8.32 -17.67 3.03
CA THR A 45 -9.45 -18.24 3.75
CA THR A 45 -9.44 -18.25 3.76
C THR A 45 -9.95 -17.20 4.75
N PRO A 46 -10.70 -16.21 4.28
CA PRO A 46 -11.14 -15.14 5.18
C PRO A 46 -12.18 -15.62 6.19
N GLU A 47 -11.99 -15.19 7.43
CA GLU A 47 -12.95 -15.49 8.50
C GLU A 47 -13.26 -14.31 9.40
N HIS A 48 -12.41 -13.27 9.44
CA HIS A 48 -12.68 -12.07 10.21
C HIS A 48 -12.04 -10.89 9.50
N PHE A 49 -12.61 -9.70 9.70
CA PHE A 49 -11.91 -8.48 9.34
C PHE A 49 -10.64 -8.33 10.17
N ALA A 50 -9.57 -7.88 9.53
CA ALA A 50 -8.46 -7.34 10.30
C ALA A 50 -8.93 -6.13 11.10
N GLN A 51 -8.34 -5.93 12.27
CA GLN A 51 -8.83 -4.90 13.18
C GLN A 51 -8.74 -3.51 12.55
N GLY A 52 -7.63 -3.23 11.86
CA GLY A 52 -7.51 -1.95 11.18
C GLY A 52 -8.57 -1.74 10.13
N PHE A 53 -8.92 -2.81 9.40
CA PHE A 53 -10.00 -2.71 8.43
C PHE A 53 -11.34 -2.52 9.12
N ALA A 54 -11.57 -3.24 10.23
CA ALA A 54 -12.82 -3.07 10.98
C ALA A 54 -12.95 -1.66 11.53
N ASP A 55 -11.84 -1.09 12.02
CA ASP A 55 -11.87 0.29 12.51
C ASP A 55 -12.23 1.25 11.40
N THR A 56 -11.66 1.06 10.20
CA THR A 56 -11.97 1.93 9.07
C THR A 56 -13.44 1.81 8.68
N VAL A 57 -13.97 0.58 8.66
CA VAL A 57 -15.38 0.38 8.36
C VAL A 57 -16.25 1.05 9.41
N ASN A 58 -15.95 0.81 10.69
CA ASN A 58 -16.74 1.38 11.77
C ASN A 58 -16.67 2.91 11.75
N ASN A 59 -15.49 3.46 11.50
CA ASN A 59 -15.37 4.91 11.40
C ASN A 59 -16.19 5.46 10.25
N ALA A 60 -16.17 4.78 9.11
CA ALA A 60 -16.92 5.24 7.95
C ALA A 60 -18.42 5.23 8.19
N LEU A 61 -18.90 4.28 8.99
CA LEU A 61 -20.33 4.13 9.25
C LEU A 61 -20.82 4.97 10.42
N ALA A 62 -19.93 5.70 11.09
CA ALA A 62 -20.33 6.54 12.20
C ALA A 62 -21.34 7.58 11.74
N GLY A 63 -22.48 7.64 12.43
CA GLY A 63 -23.56 8.54 12.07
C GLY A 63 -24.61 7.95 11.15
N THR A 64 -24.34 6.80 10.54
CA THR A 64 -25.28 6.20 9.59
C THR A 64 -26.34 5.35 10.26
N GLY A 65 -26.09 4.85 11.47
CA GLY A 65 -26.98 3.89 12.09
C GLY A 65 -26.80 2.47 11.61
N TYR A 66 -25.82 2.21 10.75
CA TYR A 66 -25.56 0.90 10.18
C TYR A 66 -24.31 0.29 10.80
N LYS A 67 -24.20 -1.03 10.67
CA LYS A 67 -23.04 -1.76 11.18
C LYS A 67 -22.75 -2.94 10.25
N VAL A 68 -21.48 -3.28 10.13
CA VAL A 68 -21.01 -4.40 9.32
C VAL A 68 -20.42 -5.44 10.26
N ASP A 69 -20.88 -6.69 10.12
CA ASP A 69 -20.36 -7.79 10.91
C ASP A 69 -19.27 -8.47 10.09
N GLY A 70 -18.01 -8.22 10.45
CA GLY A 70 -16.88 -8.79 9.75
C GLY A 70 -16.76 -10.30 9.88
N ASP A 71 -17.47 -10.91 10.82
CA ASP A 71 -17.49 -12.37 10.94
C ASP A 71 -18.52 -13.02 10.03
N ASN A 72 -19.41 -12.23 9.42
CA ASN A 72 -20.42 -12.78 8.55
C ASN A 72 -19.80 -13.21 7.21
N ALA A 73 -20.10 -14.45 6.80
CA ALA A 73 -19.54 -14.96 5.55
C ALA A 73 -19.99 -14.17 4.33
N LEU A 74 -21.11 -13.46 4.42
CA LEU A 74 -21.56 -12.64 3.31
C LEU A 74 -20.59 -11.49 3.03
N ASN A 75 -19.73 -11.17 3.99
CA ASN A 75 -18.73 -10.10 3.85
C ASN A 75 -17.34 -10.65 3.61
N HIS A 76 -17.22 -11.90 3.16
CA HIS A 76 -15.94 -12.56 2.96
C HIS A 76 -15.75 -12.87 1.49
N VAL A 77 -14.71 -12.31 0.89
CA VAL A 77 -14.31 -12.60 -0.49
C VAL A 77 -12.91 -13.20 -0.43
N ALA A 78 -12.81 -14.48 -0.79
CA ALA A 78 -11.51 -15.15 -0.74
C ALA A 78 -10.63 -14.69 -1.90
N ASN A 79 -9.32 -14.62 -1.62
CA ASN A 79 -8.32 -14.27 -2.64
C ASN A 79 -8.61 -12.90 -3.25
N LEU A 80 -8.96 -11.93 -2.40
CA LEU A 80 -9.17 -10.55 -2.84
C LEU A 80 -7.85 -9.99 -3.36
N LYS A 81 -7.90 -9.33 -4.51
CA LYS A 81 -6.70 -8.91 -5.22
C LYS A 81 -6.70 -7.39 -5.39
N SER A 82 -5.49 -6.84 -5.40
CA SER A 82 -5.33 -5.41 -5.63
C SER A 82 -5.98 -4.99 -6.94
N GLY A 83 -6.55 -3.78 -6.94
CA GLY A 83 -7.27 -3.29 -8.09
C GLY A 83 -8.73 -3.71 -8.18
N SER A 84 -9.18 -4.57 -7.26
CA SER A 84 -10.58 -5.00 -7.26
C SER A 84 -11.43 -4.05 -6.44
N THR A 85 -12.74 -4.21 -6.58
CA THR A 85 -13.72 -3.51 -5.75
C THR A 85 -14.40 -4.53 -4.85
N LEU A 86 -14.35 -4.30 -3.54
CA LEU A 86 -14.97 -5.17 -2.56
C LEU A 86 -16.28 -4.55 -2.10
N THR A 87 -17.34 -5.35 -2.08
CA THR A 87 -18.62 -4.95 -1.52
C THR A 87 -18.84 -5.69 -0.21
N ILE A 88 -19.07 -4.93 0.86
CA ILE A 88 -19.49 -5.48 2.14
C ILE A 88 -20.85 -4.88 2.48
N TYR A 89 -21.57 -5.54 3.38
CA TYR A 89 -22.99 -5.27 3.59
C TYR A 89 -23.25 -4.91 5.04
N ALA A 90 -24.02 -3.83 5.24
CA ALA A 90 -24.35 -3.32 6.55
C ALA A 90 -25.85 -3.41 6.80
N THR A 91 -26.20 -3.55 8.07
CA THR A 91 -27.60 -3.55 8.51
C THR A 91 -27.76 -2.57 9.66
N GLU A 92 -29.01 -2.21 9.95
CA GLU A 92 -29.32 -1.36 11.09
C GLU A 92 -29.56 -2.21 12.33
N SER B 1 -1.01 6.11 -5.77
CA SER B 1 -1.92 6.68 -4.78
C SER B 1 -1.17 7.58 -3.81
N LYS B 2 -1.67 8.80 -3.64
CA LYS B 2 -1.09 9.71 -2.66
C LYS B 2 -1.28 9.19 -1.23
N ALA B 3 -2.29 8.35 -1.00
CA ALA B 3 -2.57 7.84 0.34
C ALA B 3 -1.72 6.64 0.72
N SER B 4 -1.35 5.79 -0.25
CA SER B 4 -0.67 4.54 0.06
C SER B 4 0.75 4.43 -0.50
N GLN B 5 1.19 5.37 -1.35
CA GLN B 5 2.45 5.21 -2.05
C GLN B 5 3.28 6.48 -1.99
N VAL B 6 4.57 6.30 -2.27
CA VAL B 6 5.47 7.38 -2.62
C VAL B 6 5.88 7.20 -4.07
N LYS B 7 6.28 8.30 -4.70
CA LYS B 7 6.89 8.24 -6.02
C LYS B 7 8.40 8.20 -5.85
N VAL B 8 9.05 7.27 -6.53
CA VAL B 8 10.50 7.09 -6.44
C VAL B 8 11.11 7.46 -7.78
N ASN B 9 12.04 8.40 -7.76
CA ASN B 9 12.85 8.75 -8.93
C ASN B 9 14.27 8.28 -8.69
N ILE B 10 14.78 7.42 -9.58
CA ILE B 10 16.18 7.05 -9.57
C ILE B 10 16.91 8.00 -10.52
N ASN B 11 17.78 8.83 -9.97
CA ASN B 11 18.53 9.81 -10.75
C ASN B 11 20.01 9.43 -10.78
N ASN B 12 20.69 9.90 -11.82
CA ASN B 12 22.13 9.89 -11.80
C ASN B 12 22.63 11.11 -11.03
N LEU B 13 23.95 11.22 -10.85
CA LEU B 13 24.50 12.31 -10.07
C LEU B 13 24.38 13.66 -10.77
N LYS B 14 24.01 13.67 -12.05
CA LYS B 14 23.81 14.91 -12.79
C LYS B 14 22.41 15.49 -12.57
N GLY B 15 21.51 14.76 -11.94
CA GLY B 15 20.15 15.21 -11.73
C GLY B 15 19.14 14.72 -12.75
N GLU B 16 19.58 13.91 -13.71
CA GLU B 16 18.67 13.33 -14.70
C GLU B 16 18.05 12.06 -14.15
N THR B 17 16.76 11.89 -14.40
CA THR B 17 16.02 10.73 -13.88
C THR B 17 16.21 9.54 -14.82
N LEU B 18 16.70 8.43 -14.27
CA LEU B 18 16.93 7.22 -15.05
C LEU B 18 15.67 6.39 -15.16
N LYS B 19 15.05 6.07 -14.03
CA LYS B 19 13.81 5.30 -13.99
C LYS B 19 12.95 5.82 -12.85
N SER B 20 11.67 5.48 -12.89
CA SER B 20 10.73 5.92 -11.86
CA SER B 20 10.74 5.93 -11.86
C SER B 20 9.69 4.84 -11.63
N PHE B 21 9.24 4.73 -10.38
CA PHE B 21 8.20 3.78 -10.01
C PHE B 21 7.55 4.27 -8.72
N ASN B 22 6.36 3.75 -8.44
CA ASN B 22 5.66 4.02 -7.19
C ASN B 22 5.85 2.83 -6.26
N TYR B 23 5.92 3.12 -4.96
CA TYR B 23 6.14 2.07 -3.97
C TYR B 23 5.17 2.21 -2.81
N ASN B 24 4.64 1.07 -2.37
CA ASN B 24 3.67 1.04 -1.28
C ASN B 24 4.39 1.26 0.05
N VAL B 25 3.98 2.28 0.79
CA VAL B 25 4.56 2.58 2.09
C VAL B 25 3.64 2.16 3.23
N GLY B 26 2.63 1.34 2.95
CA GLY B 26 1.81 0.75 3.99
C GLY B 26 0.81 1.67 4.65
N THR B 27 0.62 2.87 4.12
CA THR B 27 -0.29 3.84 4.73
C THR B 27 -1.65 3.83 4.05
N ASN B 28 -2.65 4.36 4.76
CA ASN B 28 -3.99 4.53 4.23
C ASN B 28 -4.42 5.99 4.15
N ALA B 29 -3.54 6.92 4.49
CA ALA B 29 -3.79 8.34 4.36
C ALA B 29 -2.51 9.04 3.92
N THR B 30 -2.67 10.09 3.13
CA THR B 30 -1.51 10.80 2.61
C THR B 30 -0.84 11.59 3.75
N ASN B 31 0.37 12.08 3.47
CA ASN B 31 1.14 12.88 4.43
C ASN B 31 1.35 12.12 5.73
N THR B 32 1.58 10.82 5.64
CA THR B 32 1.75 9.96 6.81
C THR B 32 3.05 9.18 6.67
N ASN B 33 3.78 9.06 7.78
CA ASN B 33 5.07 8.40 7.78
C ASN B 33 4.97 6.98 7.22
N ALA B 34 5.94 6.62 6.39
CA ALA B 34 6.00 5.27 5.85
C ALA B 34 6.15 4.25 6.97
N VAL B 35 5.57 3.07 6.78
CA VAL B 35 5.71 2.01 7.75
C VAL B 35 7.12 1.43 7.65
N ASP B 36 7.70 1.10 8.80
CA ASP B 36 9.02 0.48 8.83
C ASP B 36 9.04 -0.78 7.98
N GLY B 37 10.13 -0.96 7.23
CA GLY B 37 10.29 -2.14 6.41
C GLY B 37 9.70 -2.07 5.03
N THR B 38 9.10 -0.95 4.65
CA THR B 38 8.61 -0.77 3.28
C THR B 38 9.74 -0.26 2.39
N VAL B 39 10.15 1.00 2.59
CA VAL B 39 11.28 1.55 1.84
C VAL B 39 12.58 1.34 2.60
N TYR B 40 12.61 1.72 3.88
CA TYR B 40 13.80 1.61 4.71
C TYR B 40 13.56 0.63 5.85
N ASN B 41 14.66 0.18 6.46
CA ASN B 41 14.56 -0.63 7.67
C ASN B 41 13.84 0.14 8.77
N SER B 42 14.10 1.44 8.85
CA SER B 42 13.48 2.32 9.85
C SER B 42 13.10 3.62 9.17
N THR B 43 11.82 3.98 9.24
CA THR B 43 11.39 5.24 8.63
C THR B 43 11.98 6.44 9.37
N ALA B 44 12.03 6.37 10.70
CA ALA B 44 12.51 7.50 11.48
C ALA B 44 14.03 7.64 11.42
N THR B 45 14.74 6.53 11.31
CA THR B 45 16.21 6.54 11.26
C THR B 45 16.66 5.61 10.13
N PRO B 46 16.51 6.05 8.89
CA PRO B 46 16.85 5.17 7.75
C PRO B 46 18.34 4.90 7.69
N GLU B 47 18.69 3.62 7.58
CA GLU B 47 20.08 3.23 7.41
C GLU B 47 20.30 2.19 6.34
N HIS B 48 19.24 1.53 5.85
CA HIS B 48 19.33 0.52 4.82
C HIS B 48 18.02 0.52 4.03
N PHE B 49 18.10 0.10 2.77
CA PHE B 49 16.89 -0.24 2.04
C PHE B 49 16.27 -1.50 2.61
N ALA B 50 14.94 -1.55 2.64
CA ALA B 50 14.27 -2.82 2.83
C ALA B 50 14.55 -3.72 1.63
N GLN B 51 14.62 -5.02 1.87
CA GLN B 51 15.00 -5.95 0.81
C GLN B 51 14.06 -5.86 -0.38
N GLY B 52 12.75 -5.77 -0.13
CA GLY B 52 11.80 -5.64 -1.23
C GLY B 52 12.00 -4.38 -2.03
N PHE B 53 12.34 -3.28 -1.35
CA PHE B 53 12.59 -2.02 -2.05
C PHE B 53 13.87 -2.10 -2.87
N ALA B 54 14.92 -2.71 -2.31
CA ALA B 54 16.17 -2.86 -3.05
C ALA B 54 15.97 -3.73 -4.29
N ASP B 55 15.19 -4.80 -4.16
CA ASP B 55 14.89 -5.65 -5.31
C ASP B 55 14.16 -4.85 -6.39
N THR B 56 13.17 -4.05 -5.99
CA THR B 56 12.44 -3.22 -6.95
C THR B 56 13.39 -2.24 -7.65
N VAL B 57 14.30 -1.64 -6.90
CA VAL B 57 15.27 -0.72 -7.50
C VAL B 57 16.19 -1.47 -8.45
N ASN B 58 16.67 -2.65 -8.04
CA ASN B 58 17.55 -3.43 -8.90
CA ASN B 58 17.55 -3.43 -8.90
C ASN B 58 16.84 -3.85 -10.18
N ASN B 59 15.57 -4.26 -10.08
CA ASN B 59 14.80 -4.62 -11.26
CA ASN B 59 14.82 -4.63 -11.26
C ASN B 59 14.66 -3.45 -12.22
N ALA B 60 14.33 -2.27 -11.68
CA ALA B 60 14.17 -1.10 -12.54
C ALA B 60 15.46 -0.73 -13.24
N LEU B 61 16.61 -0.96 -12.61
CA LEU B 61 17.88 -0.56 -13.16
C LEU B 61 18.50 -1.62 -14.07
N ALA B 62 17.83 -2.75 -14.28
CA ALA B 62 18.35 -3.78 -15.16
C ALA B 62 18.48 -3.25 -16.58
N GLY B 63 19.67 -3.45 -17.16
CA GLY B 63 19.94 -2.99 -18.51
C GLY B 63 20.47 -1.57 -18.61
N THR B 64 20.48 -0.82 -17.51
CA THR B 64 20.95 0.56 -17.53
C THR B 64 22.45 0.69 -17.27
N GLY B 65 23.06 -0.29 -16.59
CA GLY B 65 24.43 -0.19 -16.16
C GLY B 65 24.62 0.58 -14.87
N TYR B 66 23.54 0.98 -14.21
CA TYR B 66 23.59 1.74 -12.97
C TYR B 66 23.22 0.88 -11.78
N LYS B 67 23.64 1.31 -10.60
CA LYS B 67 23.33 0.63 -9.35
C LYS B 67 23.16 1.67 -8.25
N VAL B 68 22.30 1.36 -7.29
CA VAL B 68 22.03 2.23 -6.15
C VAL B 68 22.53 1.55 -4.89
N ASP B 69 23.32 2.27 -4.09
CA ASP B 69 23.82 1.77 -2.82
C ASP B 69 22.83 2.19 -1.74
N GLY B 70 22.02 1.24 -1.26
CA GLY B 70 21.01 1.52 -0.26
C GLY B 70 21.55 1.88 1.11
N ASP B 71 22.83 1.63 1.37
CA ASP B 71 23.46 2.01 2.62
C ASP B 71 24.07 3.40 2.58
N ASN B 72 24.01 4.07 1.44
CA ASN B 72 24.58 5.40 1.30
C ASN B 72 23.64 6.44 1.88
N ALA B 73 24.17 7.30 2.75
CA ALA B 73 23.35 8.30 3.43
C ALA B 73 22.70 9.28 2.47
N LEU B 74 23.30 9.48 1.29
CA LEU B 74 22.67 10.36 0.30
C LEU B 74 21.38 9.79 -0.26
N ASN B 75 21.08 8.52 0.00
CA ASN B 75 19.84 7.89 -0.41
C ASN B 75 18.89 7.68 0.75
N HIS B 76 19.12 8.39 1.86
CA HIS B 76 18.32 8.23 3.08
C HIS B 76 17.55 9.52 3.34
N VAL B 77 16.23 9.44 3.31
CA VAL B 77 15.36 10.55 3.68
C VAL B 77 14.56 10.12 4.90
N ALA B 78 14.77 10.82 6.01
CA ALA B 78 14.10 10.48 7.26
C ALA B 78 12.65 10.91 7.22
N ASN B 79 11.80 10.12 7.90
CA ASN B 79 10.37 10.42 8.03
C ASN B 79 9.72 10.62 6.67
N LEU B 80 9.99 9.70 5.76
CA LEU B 80 9.39 9.73 4.43
C LEU B 80 7.88 9.54 4.54
N LYS B 81 7.12 10.39 3.87
CA LYS B 81 5.68 10.40 4.02
C LYS B 81 5.00 10.05 2.70
N SER B 82 3.86 9.36 2.82
CA SER B 82 3.08 9.01 1.65
C SER B 82 2.67 10.25 0.87
N GLY B 83 2.63 10.11 -0.45
CA GLY B 83 2.33 11.21 -1.33
C GLY B 83 3.52 12.07 -1.71
N SER B 84 4.68 11.84 -1.12
CA SER B 84 5.87 12.59 -1.48
C SER B 84 6.67 11.85 -2.53
N THR B 85 7.62 12.57 -3.13
CA THR B 85 8.55 12.00 -4.09
C THR B 85 9.89 11.76 -3.42
N LEU B 86 10.40 10.53 -3.54
CA LEU B 86 11.72 10.17 -3.04
C LEU B 86 12.69 10.11 -4.21
N THR B 87 13.83 10.79 -4.07
CA THR B 87 14.90 10.71 -5.07
C THR B 87 16.06 9.93 -4.49
N ILE B 88 16.47 8.88 -5.20
CA ILE B 88 17.66 8.13 -4.87
C ILE B 88 18.61 8.21 -6.06
N TYR B 89 19.88 7.91 -5.81
CA TYR B 89 20.95 8.25 -6.74
C TYR B 89 21.76 7.02 -7.10
N ALA B 90 21.94 6.81 -8.41
CA ALA B 90 22.62 5.65 -8.96
C ALA B 90 23.93 6.07 -9.63
N THR B 91 24.86 5.12 -9.70
CA THR B 91 26.13 5.32 -10.38
C THR B 91 26.48 4.07 -11.18
N GLU B 92 27.49 4.21 -12.03
CA GLU B 92 27.99 3.10 -12.82
C GLU B 92 29.08 2.35 -12.05
#